data_6KZR
#
_entry.id   6KZR
#
_cell.length_a   65.979
_cell.length_b   72.435
_cell.length_c   101.106
_cell.angle_alpha   90.000
_cell.angle_beta   90.000
_cell.angle_gamma   90.000
#
_symmetry.space_group_name_H-M   'P 21 21 21'
#
loop_
_entity.id
_entity.type
_entity.pdbx_description
1 polymer 'C-type lectin domain family 4, member b1'
2 non-polymer GLYCEROL
3 non-polymer 'CALCIUM ION'
4 water water
#
_entity_poly.entity_id   1
_entity_poly.type   'polypeptide(L)'
_entity_poly.pdbx_seq_one_letter_code
;MGSMCPKDWKLFGSHCYLVPTVFSSASWNKSEENCSRMGAHLVVIHSQEEQDFITGILDIHAAYFIGLWDTGHRQWQWVD
QTPYEESVTFWHNGEPSSDNEKCVTVYYRRNIGWGWNDISCNLKQKSVCQMKKINL
;
_entity_poly.pdbx_strand_id   A,B
#
loop_
_chem_comp.id
_chem_comp.type
_chem_comp.name
_chem_comp.formula
CA non-polymer 'CALCIUM ION' 'Ca 2'
GOL non-polymer GLYCEROL 'C3 H8 O3'
#
# COMPACT_ATOMS: atom_id res chain seq x y z
N SER A 3 21.02 5.71 -8.74
CA SER A 3 20.77 5.82 -7.27
C SER A 3 19.53 5.01 -6.89
N MET A 4 18.56 5.63 -6.19
CA MET A 4 17.37 4.99 -5.58
C MET A 4 16.38 4.57 -6.68
N CYS A 5 16.40 5.29 -7.82
CA CYS A 5 15.46 5.08 -8.95
C CYS A 5 16.25 4.80 -10.22
N PRO A 6 15.71 3.98 -11.14
CA PRO A 6 16.34 3.78 -12.44
C PRO A 6 16.34 5.11 -13.22
N LYS A 7 17.17 5.22 -14.24
CA LYS A 7 17.38 6.44 -15.05
C LYS A 7 16.03 6.93 -15.57
N ASP A 8 15.72 8.22 -15.35
CA ASP A 8 14.57 8.99 -15.90
C ASP A 8 13.30 8.72 -15.09
N TRP A 9 13.31 7.74 -14.17
CA TRP A 9 12.23 7.54 -13.16
C TRP A 9 12.30 8.70 -12.17
N LYS A 10 11.15 9.05 -11.60
CA LYS A 10 11.01 10.21 -10.68
C LYS A 10 10.68 9.69 -9.28
N LEU A 11 11.40 10.21 -8.29
CA LEU A 11 11.34 9.80 -6.87
C LEU A 11 10.21 10.57 -6.19
N PHE A 12 9.33 9.85 -5.47
CA PHE A 12 8.43 10.44 -4.46
C PHE A 12 8.13 9.39 -3.39
N GLY A 13 8.27 9.77 -2.12
CA GLY A 13 8.12 8.82 -1.00
C GLY A 13 9.07 7.66 -1.16
N SER A 14 8.59 6.43 -0.97
CA SER A 14 9.36 5.17 -1.10
C SER A 14 9.38 4.66 -2.53
N HIS A 15 8.77 5.39 -3.49
CA HIS A 15 8.52 4.87 -4.86
C HIS A 15 9.23 5.70 -5.94
N CYS A 16 9.37 5.09 -7.13
CA CYS A 16 9.87 5.69 -8.39
C CYS A 16 8.77 5.60 -9.43
N TYR A 17 8.55 6.67 -10.20
CA TYR A 17 7.40 6.79 -11.13
C TYR A 17 7.91 7.05 -12.54
N LEU A 18 7.22 6.51 -13.53
CA LEU A 18 7.53 6.81 -14.96
C LEU A 18 6.25 6.77 -15.79
N VAL A 19 6.12 7.77 -16.66
CA VAL A 19 5.18 7.75 -17.81
C VAL A 19 5.92 7.11 -18.97
N PRO A 20 5.57 5.88 -19.40
CA PRO A 20 6.21 5.30 -20.58
C PRO A 20 5.73 6.11 -21.79
N THR A 21 6.60 6.95 -22.35
CA THR A 21 6.23 7.95 -23.39
C THR A 21 6.17 7.27 -24.77
N VAL A 22 7.16 6.44 -25.09
CA VAL A 22 7.30 5.88 -26.47
C VAL A 22 6.24 4.80 -26.65
N PHE A 23 6.09 3.92 -25.67
CA PHE A 23 4.99 2.93 -25.60
C PHE A 23 3.69 3.63 -26.02
N SER A 24 3.22 3.37 -27.25
CA SER A 24 1.97 3.92 -27.82
C SER A 24 0.80 3.55 -26.89
N SER A 25 -0.32 4.28 -26.96
CA SER A 25 -1.53 4.02 -26.14
C SER A 25 -1.86 2.52 -26.13
N ALA A 26 -2.38 2.00 -25.04
CA ALA A 26 -2.71 0.57 -24.95
C ALA A 26 -3.86 0.33 -23.97
N SER A 27 -4.42 -0.87 -24.04
CA SER A 27 -5.47 -1.39 -23.12
C SER A 27 -4.92 -1.43 -21.68
N TRP A 28 -5.80 -1.56 -20.69
CA TRP A 28 -5.41 -1.60 -19.27
C TRP A 28 -4.48 -2.79 -19.02
N ASN A 29 -4.83 -3.96 -19.54
CA ASN A 29 -4.03 -5.21 -19.37
C ASN A 29 -2.66 -5.04 -20.02
N LYS A 30 -2.61 -4.44 -21.22
CA LYS A 30 -1.35 -4.27 -21.97
C LYS A 30 -0.49 -3.20 -21.29
N SER A 31 -1.14 -2.18 -20.72
CA SER A 31 -0.46 -1.13 -19.90
C SER A 31 0.18 -1.79 -18.67
N GLU A 32 -0.56 -2.63 -17.95
CA GLU A 32 -0.04 -3.35 -16.74
C GLU A 32 1.13 -4.24 -17.20
N GLU A 33 0.96 -4.95 -18.31
CA GLU A 33 1.98 -5.90 -18.83
C GLU A 33 3.26 -5.11 -19.13
N ASN A 34 3.14 -3.91 -19.70
CA ASN A 34 4.29 -3.04 -20.06
CA ASN A 34 4.35 -3.14 -20.06
C ASN A 34 4.96 -2.55 -18.78
N CYS A 35 4.18 -2.17 -17.77
CA CYS A 35 4.77 -1.73 -16.48
C CYS A 35 5.62 -2.90 -15.95
N SER A 36 5.13 -4.15 -16.05
CA SER A 36 5.77 -5.32 -15.39
C SER A 36 7.05 -5.71 -16.13
N ARG A 37 7.12 -5.42 -17.43
CA ARG A 37 8.34 -5.55 -18.28
CA ARG A 37 8.36 -5.61 -18.24
C ARG A 37 9.45 -4.66 -17.72
N MET A 38 9.09 -3.63 -16.96
CA MET A 38 10.05 -2.70 -16.34
C MET A 38 10.21 -3.01 -14.85
N GLY A 39 9.62 -4.11 -14.36
CA GLY A 39 9.65 -4.47 -12.93
C GLY A 39 8.76 -3.53 -12.11
N ALA A 40 7.73 -2.97 -12.74
CA ALA A 40 6.85 -1.98 -12.11
C ALA A 40 5.39 -2.43 -12.23
N HIS A 41 4.48 -1.68 -11.63
CA HIS A 41 3.01 -1.84 -11.68
CA HIS A 41 3.02 -1.87 -11.81
C HIS A 41 2.37 -0.52 -12.12
N LEU A 42 1.15 -0.56 -12.64
CA LEU A 42 0.34 0.66 -12.81
C LEU A 42 0.24 1.33 -11.44
N VAL A 43 0.18 2.66 -11.39
CA VAL A 43 0.29 3.41 -10.11
C VAL A 43 -0.84 3.01 -9.17
N VAL A 44 -0.48 2.86 -7.89
CA VAL A 44 -1.39 2.58 -6.75
C VAL A 44 -1.40 3.85 -5.91
N ILE A 45 -2.49 4.60 -5.95
CA ILE A 45 -2.58 5.97 -5.38
C ILE A 45 -3.32 5.91 -4.04
N HIS A 46 -2.56 5.97 -2.95
CA HIS A 46 -3.06 5.74 -1.58
C HIS A 46 -3.32 7.06 -0.85
N SER A 47 -2.80 8.19 -1.34
CA SER A 47 -2.85 9.47 -0.59
C SER A 47 -3.04 10.67 -1.54
N GLN A 48 -3.47 11.80 -1.01
CA GLN A 48 -3.49 13.11 -1.69
C GLN A 48 -2.09 13.44 -2.26
N GLU A 49 -1.05 13.19 -1.48
N GLU A 49 -1.04 13.16 -1.51
CA GLU A 49 0.37 13.47 -1.87
CA GLU A 49 0.36 13.50 -1.89
C GLU A 49 0.70 12.68 -3.14
C GLU A 49 0.77 12.66 -3.12
N GLU A 50 0.38 11.38 -3.17
CA GLU A 50 0.64 10.52 -4.35
C GLU A 50 -0.21 11.02 -5.53
N GLN A 51 -1.51 11.29 -5.33
CA GLN A 51 -2.38 11.81 -6.41
C GLN A 51 -1.73 13.08 -6.96
N ASP A 52 -1.36 14.01 -6.07
CA ASP A 52 -0.77 15.32 -6.45
C ASP A 52 0.56 15.10 -7.20
N PHE A 53 1.44 14.24 -6.67
CA PHE A 53 2.76 13.99 -7.30
C PHE A 53 2.58 13.36 -8.69
N ILE A 54 1.81 12.29 -8.80
CA ILE A 54 1.66 11.54 -10.08
C ILE A 54 1.07 12.49 -11.12
N THR A 55 0.04 13.26 -10.77
CA THR A 55 -0.63 14.17 -11.74
C THR A 55 0.32 15.30 -12.11
N GLY A 56 1.20 15.67 -11.18
CA GLY A 56 2.26 16.67 -11.40
C GLY A 56 3.14 16.30 -12.59
N ILE A 57 3.26 15.02 -12.94
CA ILE A 57 4.24 14.61 -13.99
C ILE A 57 3.50 14.21 -15.26
N LEU A 58 2.19 14.46 -15.34
CA LEU A 58 1.34 14.10 -16.51
C LEU A 58 1.05 15.33 -17.38
N ASP A 59 0.64 15.05 -18.61
CA ASP A 59 0.18 16.04 -19.61
C ASP A 59 -1.32 16.26 -19.40
N ILE A 60 -1.76 17.51 -19.18
CA ILE A 60 -3.19 17.80 -18.85
C ILE A 60 -4.08 17.41 -20.03
N HIS A 61 -3.52 17.32 -21.25
CA HIS A 61 -4.27 16.98 -22.49
C HIS A 61 -4.43 15.46 -22.68
N ALA A 62 -3.96 14.63 -21.74
CA ALA A 62 -4.00 13.16 -21.87
C ALA A 62 -4.64 12.53 -20.64
N ALA A 63 -5.18 11.32 -20.83
CA ALA A 63 -5.80 10.48 -19.79
C ALA A 63 -4.90 9.27 -19.56
N TYR A 64 -4.74 8.82 -18.32
CA TYR A 64 -3.74 7.79 -17.96
C TYR A 64 -4.43 6.69 -17.14
N PHE A 65 -4.22 5.43 -17.52
CA PHE A 65 -4.61 4.28 -16.69
C PHE A 65 -3.80 4.31 -15.39
N ILE A 66 -4.50 4.10 -14.28
CA ILE A 66 -3.93 3.82 -12.93
C ILE A 66 -4.25 2.35 -12.62
N GLY A 67 -3.58 1.74 -11.65
CA GLY A 67 -3.74 0.30 -11.34
C GLY A 67 -4.90 0.02 -10.40
N LEU A 68 -6.07 0.54 -10.74
CA LEU A 68 -7.34 0.32 -10.00
C LEU A 68 -8.31 -0.34 -10.96
N TRP A 69 -8.95 -1.43 -10.53
CA TRP A 69 -9.96 -2.14 -11.36
C TRP A 69 -11.08 -2.71 -10.48
N ASP A 70 -12.23 -2.94 -11.09
CA ASP A 70 -13.45 -3.44 -10.41
C ASP A 70 -13.49 -4.96 -10.55
N THR A 71 -13.29 -5.66 -9.44
CA THR A 71 -13.25 -7.14 -9.39
C THR A 71 -14.67 -7.71 -9.37
N GLY A 72 -15.69 -6.89 -9.13
CA GLY A 72 -17.09 -7.35 -9.08
C GLY A 72 -18.06 -6.25 -9.46
N HIS A 73 -18.67 -5.61 -8.47
CA HIS A 73 -19.66 -4.53 -8.66
C HIS A 73 -19.26 -3.36 -7.77
N ARG A 74 -18.45 -2.47 -8.34
CA ARG A 74 -17.81 -1.34 -7.63
C ARG A 74 -16.96 -1.90 -6.49
N GLN A 75 -16.36 -3.08 -6.67
CA GLN A 75 -15.40 -3.68 -5.71
C GLN A 75 -13.99 -3.38 -6.20
N TRP A 76 -13.55 -2.15 -5.98
CA TRP A 76 -12.27 -1.61 -6.50
C TRP A 76 -11.11 -2.31 -5.78
N GLN A 77 -10.09 -2.72 -6.56
CA GLN A 77 -8.86 -3.38 -6.08
C GLN A 77 -7.64 -2.75 -6.77
N TRP A 78 -6.60 -2.44 -6.00
CA TRP A 78 -5.29 -2.00 -6.50
C TRP A 78 -4.56 -3.20 -7.08
N VAL A 79 -3.73 -2.99 -8.11
CA VAL A 79 -3.02 -4.09 -8.82
C VAL A 79 -2.06 -4.80 -7.85
N ASP A 80 -1.52 -4.11 -6.83
CA ASP A 80 -0.59 -4.73 -5.84
C ASP A 80 -1.41 -5.35 -4.69
N GLN A 81 -2.74 -5.25 -4.77
CA GLN A 81 -3.72 -5.86 -3.82
C GLN A 81 -3.67 -5.19 -2.44
N THR A 82 -3.02 -4.02 -2.31
CA THR A 82 -3.01 -3.25 -1.04
C THR A 82 -4.41 -2.68 -0.85
N PRO A 83 -4.84 -2.39 0.40
CA PRO A 83 -6.23 -1.98 0.66
C PRO A 83 -6.69 -0.72 -0.10
N TYR A 84 -7.87 -0.84 -0.70
CA TYR A 84 -8.65 0.28 -1.26
C TYR A 84 -9.44 0.96 -0.13
N GLU A 85 -9.30 2.26 0.03
CA GLU A 85 -10.01 3.03 1.07
C GLU A 85 -10.88 4.06 0.36
N GLU A 86 -12.19 3.84 0.27
CA GLU A 86 -13.12 4.74 -0.47
C GLU A 86 -12.94 6.17 0.05
N SER A 87 -12.58 6.34 1.33
CA SER A 87 -12.47 7.68 1.97
C SER A 87 -11.23 8.44 1.50
N VAL A 88 -10.25 7.79 0.85
CA VAL A 88 -9.01 8.47 0.33
C VAL A 88 -8.91 8.21 -1.18
N THR A 89 -9.95 8.60 -1.92
CA THR A 89 -10.06 8.45 -3.39
C THR A 89 -10.25 9.83 -4.03
N PHE A 90 -10.17 9.90 -5.36
CA PHE A 90 -10.10 11.17 -6.12
C PHE A 90 -11.00 11.06 -7.35
N TRP A 91 -12.14 10.37 -7.25
CA TRP A 91 -13.13 10.27 -8.35
C TRP A 91 -13.56 11.68 -8.76
N HIS A 92 -13.62 11.97 -10.07
CA HIS A 92 -14.35 13.15 -10.62
C HIS A 92 -15.82 13.11 -10.16
N ASN A 93 -16.47 14.29 -10.12
CA ASN A 93 -17.94 14.40 -9.85
CA ASN A 93 -17.93 14.40 -9.82
C ASN A 93 -18.68 13.55 -10.87
N GLY A 94 -19.67 12.77 -10.44
CA GLY A 94 -20.44 11.83 -11.28
C GLY A 94 -19.69 10.52 -11.57
N GLU A 95 -18.49 10.33 -11.01
CA GLU A 95 -17.73 9.06 -11.18
C GLU A 95 -17.59 8.36 -9.84
N PRO A 96 -17.53 7.02 -9.80
CA PRO A 96 -17.73 6.17 -10.98
C PRO A 96 -19.15 6.23 -11.57
N SER A 97 -19.31 5.86 -12.83
CA SER A 97 -20.52 6.17 -13.63
C SER A 97 -21.24 4.91 -14.12
N SER A 98 -20.55 3.78 -14.32
CA SER A 98 -21.14 2.59 -15.00
C SER A 98 -20.48 1.29 -14.56
N ASP A 99 -21.30 0.29 -14.21
CA ASP A 99 -20.83 -1.03 -13.76
C ASP A 99 -20.19 -1.78 -14.94
N ASN A 100 -20.36 -1.29 -16.17
CA ASN A 100 -19.66 -1.85 -17.37
C ASN A 100 -18.26 -1.27 -17.52
N GLU A 101 -17.91 -0.23 -16.77
CA GLU A 101 -16.55 0.37 -16.81
C GLU A 101 -15.72 -0.20 -15.65
N LYS A 102 -14.77 -1.11 -15.91
CA LYS A 102 -14.13 -1.92 -14.84
C LYS A 102 -12.69 -1.45 -14.56
N CYS A 103 -12.19 -0.49 -15.34
CA CYS A 103 -10.81 0.03 -15.22
C CYS A 103 -10.86 1.52 -14.91
N VAL A 104 -9.77 2.08 -14.43
CA VAL A 104 -9.77 3.50 -13.97
C VAL A 104 -8.66 4.26 -14.66
N THR A 105 -9.02 5.45 -15.09
CA THR A 105 -8.14 6.42 -15.74
C THR A 105 -8.10 7.66 -14.84
N VAL A 106 -7.01 8.43 -14.91
CA VAL A 106 -6.90 9.77 -14.28
C VAL A 106 -6.75 10.79 -15.42
N TYR A 107 -7.53 11.86 -15.37
CA TYR A 107 -7.51 12.91 -16.42
C TYR A 107 -7.90 14.25 -15.79
N TYR A 108 -7.56 15.30 -16.52
CA TYR A 108 -7.75 16.71 -16.10
C TYR A 108 -9.06 17.23 -16.70
N ARG A 109 -9.95 17.76 -15.86
CA ARG A 109 -11.13 18.53 -16.31
C ARG A 109 -10.82 20.02 -16.19
N ARG A 110 -10.98 20.77 -17.28
CA ARG A 110 -10.89 22.26 -17.31
C ARG A 110 -11.58 22.85 -16.08
N ASN A 111 -10.87 23.70 -15.31
CA ASN A 111 -11.39 24.54 -14.20
C ASN A 111 -11.83 23.69 -13.01
N ILE A 112 -11.38 22.44 -12.95
CA ILE A 112 -11.68 21.48 -11.85
C ILE A 112 -10.35 20.91 -11.34
N GLY A 113 -9.54 20.35 -12.25
CA GLY A 113 -8.29 19.66 -11.94
C GLY A 113 -8.36 18.19 -12.27
N TRP A 114 -7.41 17.43 -11.74
CA TRP A 114 -7.24 15.97 -11.96
C TRP A 114 -8.27 15.19 -11.13
N GLY A 115 -8.63 14.02 -11.61
CA GLY A 115 -9.65 13.15 -10.98
C GLY A 115 -9.71 11.83 -11.69
N TRP A 116 -10.29 10.83 -11.03
CA TRP A 116 -10.43 9.47 -11.59
C TRP A 116 -11.73 9.37 -12.40
N ASN A 117 -11.70 8.54 -13.43
CA ASN A 117 -12.90 8.14 -14.22
C ASN A 117 -12.88 6.63 -14.45
N ASP A 118 -13.99 5.96 -14.23
CA ASP A 118 -14.10 4.54 -14.61
C ASP A 118 -14.36 4.52 -16.12
N ILE A 119 -13.62 3.67 -16.86
CA ILE A 119 -13.81 3.47 -18.32
C ILE A 119 -13.66 2.00 -18.68
N SER A 120 -14.03 1.67 -19.90
CA SER A 120 -13.81 0.35 -20.54
C SER A 120 -12.30 0.02 -20.50
N CYS A 121 -11.98 -1.16 -19.98
CA CYS A 121 -10.63 -1.76 -19.91
C CYS A 121 -10.02 -1.90 -21.30
N ASN A 122 -10.85 -1.97 -22.35
CA ASN A 122 -10.41 -2.19 -23.75
C ASN A 122 -10.03 -0.88 -24.45
N LEU A 123 -10.46 0.28 -23.95
CA LEU A 123 -10.11 1.59 -24.57
C LEU A 123 -8.60 1.78 -24.40
N LYS A 124 -7.93 2.28 -25.42
CA LYS A 124 -6.48 2.55 -25.35
C LYS A 124 -6.29 3.90 -24.66
N GLN A 125 -5.35 3.96 -23.72
N GLN A 125 -5.35 3.96 -23.72
CA GLN A 125 -4.99 5.16 -22.94
CA GLN A 125 -4.99 5.18 -22.95
C GLN A 125 -3.47 5.18 -22.73
C GLN A 125 -3.47 5.17 -22.72
N LYS A 126 -2.93 6.33 -22.33
CA LYS A 126 -1.57 6.43 -21.77
C LYS A 126 -1.63 5.73 -20.40
N SER A 127 -0.50 5.66 -19.70
CA SER A 127 -0.41 4.96 -18.40
C SER A 127 0.72 5.59 -17.59
N VAL A 128 0.81 5.23 -16.32
CA VAL A 128 1.96 5.62 -15.48
C VAL A 128 2.29 4.45 -14.54
N CYS A 129 3.58 4.14 -14.43
CA CYS A 129 4.09 2.98 -13.68
C CYS A 129 4.76 3.45 -12.39
N GLN A 130 4.80 2.58 -11.38
CA GLN A 130 5.54 2.81 -10.11
C GLN A 130 6.25 1.51 -9.75
N MET A 131 7.38 1.63 -9.05
CA MET A 131 8.06 0.51 -8.37
C MET A 131 8.62 1.06 -7.06
N LYS A 132 9.05 0.19 -6.14
N LYS A 132 9.03 0.19 -6.14
CA LYS A 132 9.75 0.61 -4.89
CA LYS A 132 9.77 0.59 -4.90
C LYS A 132 11.17 1.09 -5.27
C LYS A 132 11.13 1.16 -5.32
N LYS A 133 11.75 2.01 -4.50
CA LYS A 133 13.16 2.43 -4.73
C LYS A 133 14.10 1.29 -4.30
N ILE A 134 15.40 1.56 -4.27
CA ILE A 134 16.41 0.76 -3.50
C ILE A 134 17.13 1.67 -2.49
N SER B 3 25.86 0.96 16.39
CA SER B 3 25.96 1.15 14.89
C SER B 3 25.27 0.02 14.12
N MET B 4 24.94 -1.10 14.77
CA MET B 4 24.21 -2.21 14.11
C MET B 4 22.77 -1.78 13.80
N CYS B 5 22.22 -0.78 14.51
CA CYS B 5 20.88 -0.19 14.21
C CYS B 5 20.96 1.33 14.20
N PRO B 6 20.16 2.02 13.34
CA PRO B 6 20.13 3.48 13.32
C PRO B 6 19.64 4.01 14.67
N LYS B 7 19.93 5.28 14.97
CA LYS B 7 19.64 5.96 16.26
C LYS B 7 18.15 5.76 16.60
N ASP B 8 17.87 5.33 17.84
CA ASP B 8 16.51 5.14 18.42
C ASP B 8 15.91 3.78 18.05
N TRP B 9 16.50 3.06 17.10
CA TRP B 9 15.99 1.72 16.72
C TRP B 9 16.50 0.71 17.75
N LYS B 10 15.86 -0.46 17.82
CA LYS B 10 16.17 -1.51 18.82
C LYS B 10 16.51 -2.80 18.10
N LEU B 11 17.63 -3.43 18.46
CA LEU B 11 18.18 -4.65 17.82
C LEU B 11 17.43 -5.88 18.36
N PHE B 12 17.06 -6.80 17.47
CA PHE B 12 16.70 -8.19 17.83
C PHE B 12 17.05 -9.10 16.66
N GLY B 13 17.88 -10.10 16.93
CA GLY B 13 18.48 -11.00 15.92
C GLY B 13 19.12 -10.22 14.81
N SER B 14 18.63 -10.39 13.59
CA SER B 14 19.17 -9.77 12.34
C SER B 14 18.33 -8.56 11.90
N HIS B 15 17.49 -8.01 12.79
CA HIS B 15 16.59 -6.87 12.49
C HIS B 15 16.66 -5.77 13.54
N CYS B 16 16.24 -4.58 13.15
CA CYS B 16 16.08 -3.36 13.97
C CYS B 16 14.61 -2.96 13.93
N TYR B 17 14.07 -2.52 15.07
CA TYR B 17 12.64 -2.22 15.25
C TYR B 17 12.48 -0.80 15.80
N LEU B 18 11.37 -0.17 15.42
CA LEU B 18 11.03 1.21 15.81
C LEU B 18 9.53 1.38 15.79
N VAL B 19 8.98 1.92 16.87
CA VAL B 19 7.63 2.54 16.92
C VAL B 19 7.78 3.99 16.48
N PRO B 20 7.26 4.36 15.30
CA PRO B 20 7.34 5.74 14.83
C PRO B 20 6.69 6.72 15.80
N THR B 21 7.20 7.95 15.79
CA THR B 21 6.83 9.02 16.74
C THR B 21 6.42 10.29 15.97
N VAL B 22 6.96 10.52 14.76
CA VAL B 22 6.83 11.81 14.01
C VAL B 22 5.35 12.03 13.64
N PHE B 23 4.61 10.97 13.32
CA PHE B 23 3.13 10.99 13.17
C PHE B 23 2.57 10.04 14.24
N SER B 24 1.51 10.43 14.95
CA SER B 24 1.10 9.80 16.23
C SER B 24 0.14 8.62 15.99
N SER B 25 -0.60 8.61 14.89
CA SER B 25 -1.35 7.43 14.37
C SER B 25 -1.72 7.62 12.89
N ALA B 26 -1.98 6.52 12.18
CA ALA B 26 -2.32 6.52 10.74
C ALA B 26 -2.94 5.20 10.32
N SER B 27 -3.58 5.20 9.16
CA SER B 27 -4.17 4.03 8.47
C SER B 27 -3.07 3.00 8.19
N TRP B 28 -3.46 1.80 7.78
CA TRP B 28 -2.50 0.73 7.42
C TRP B 28 -1.60 1.19 6.25
N ASN B 29 -2.20 1.67 5.16
CA ASN B 29 -1.44 2.04 3.94
C ASN B 29 -0.42 3.13 4.31
N LYS B 30 -0.85 4.16 5.04
N LYS B 30 -0.86 4.17 5.02
CA LYS B 30 0.03 5.31 5.38
CA LYS B 30 0.02 5.32 5.39
C LYS B 30 1.12 4.83 6.35
C LYS B 30 1.11 4.83 6.36
N SER B 31 0.75 3.98 7.31
CA SER B 31 1.69 3.36 8.28
C SER B 31 2.79 2.61 7.51
N GLU B 32 2.40 1.81 6.50
CA GLU B 32 3.37 1.04 5.67
C GLU B 32 4.25 2.01 4.88
N GLU B 33 3.68 3.06 4.28
CA GLU B 33 4.45 4.05 3.47
C GLU B 33 5.48 4.76 4.38
N ASN B 34 5.10 5.08 5.62
CA ASN B 34 6.00 5.80 6.57
CA ASN B 34 6.00 5.78 6.57
C ASN B 34 7.19 4.88 6.91
N CYS B 35 6.94 3.61 7.18
CA CYS B 35 8.02 2.61 7.39
C CYS B 35 8.92 2.55 6.15
N SER B 36 8.32 2.43 4.96
CA SER B 36 9.04 2.27 3.67
C SER B 36 9.93 3.49 3.45
N ARG B 37 9.50 4.68 3.86
CA ARG B 37 10.29 5.91 3.61
C ARG B 37 11.56 5.88 4.45
N MET B 38 11.58 5.11 5.54
CA MET B 38 12.80 4.93 6.37
C MET B 38 13.58 3.69 5.88
N GLY B 39 13.23 3.14 4.71
CA GLY B 39 13.84 1.90 4.20
C GLY B 39 13.47 0.70 5.06
N ALA B 40 12.26 0.73 5.62
CA ALA B 40 11.74 -0.31 6.54
C ALA B 40 10.40 -0.82 6.01
N HIS B 41 9.76 -1.72 6.76
CA HIS B 41 8.37 -2.15 6.47
CA HIS B 41 8.42 -2.31 6.47
C HIS B 41 7.67 -2.41 7.80
N LEU B 42 6.35 -2.46 7.77
CA LEU B 42 5.57 -2.87 8.96
C LEU B 42 6.07 -4.24 9.38
N VAL B 43 6.20 -4.49 10.67
CA VAL B 43 6.83 -5.73 11.21
C VAL B 43 6.22 -6.96 10.55
N VAL B 44 7.09 -7.89 10.18
CA VAL B 44 6.73 -9.24 9.70
C VAL B 44 7.16 -10.22 10.80
N ILE B 45 6.21 -10.95 11.37
CA ILE B 45 6.44 -11.75 12.62
C ILE B 45 6.48 -13.23 12.25
N HIS B 46 7.66 -13.86 12.33
CA HIS B 46 7.92 -15.26 11.89
C HIS B 46 8.21 -16.18 13.09
N SER B 47 8.14 -15.71 14.34
CA SER B 47 8.41 -16.56 15.52
C SER B 47 7.81 -15.98 16.79
N GLN B 48 7.64 -16.83 17.80
CA GLN B 48 7.26 -16.47 19.19
C GLN B 48 8.23 -15.38 19.70
N GLU B 49 9.53 -15.57 19.47
CA GLU B 49 10.61 -14.66 19.94
C GLU B 49 10.41 -13.26 19.33
N GLU B 50 10.07 -13.20 18.05
CA GLU B 50 9.82 -11.90 17.35
C GLU B 50 8.57 -11.27 17.99
N GLN B 51 7.49 -12.04 18.09
CA GLN B 51 6.19 -11.60 18.67
C GLN B 51 6.45 -10.99 20.05
N ASP B 52 7.25 -11.68 20.88
CA ASP B 52 7.55 -11.28 22.27
C ASP B 52 8.47 -10.05 22.27
N PHE B 53 9.50 -10.01 21.42
CA PHE B 53 10.40 -8.82 21.36
C PHE B 53 9.61 -7.59 20.91
N ILE B 54 8.87 -7.69 19.80
CA ILE B 54 8.07 -6.56 19.24
C ILE B 54 7.09 -6.07 20.31
N THR B 55 6.34 -6.97 20.96
CA THR B 55 5.30 -6.57 21.95
C THR B 55 5.98 -6.00 23.20
N GLY B 56 7.20 -6.46 23.48
CA GLY B 56 8.01 -5.96 24.61
C GLY B 56 8.28 -4.46 24.53
N ILE B 57 8.36 -3.88 23.33
CA ILE B 57 8.74 -2.44 23.17
C ILE B 57 7.49 -1.57 22.96
N LEU B 58 6.30 -2.13 23.16
CA LEU B 58 4.99 -1.43 22.95
C LEU B 58 4.36 -1.01 24.28
N ASP B 59 3.49 -0.01 24.18
CA ASP B 59 2.63 0.46 25.28
C ASP B 59 1.39 -0.44 25.29
N ILE B 60 1.10 -1.06 26.42
CA ILE B 60 -0.05 -2.02 26.52
C ILE B 60 -1.37 -1.28 26.29
N HIS B 61 -1.39 0.05 26.39
CA HIS B 61 -2.64 0.85 26.26
C HIS B 61 -2.94 1.15 24.79
N ALA B 62 -2.12 0.67 23.83
CA ALA B 62 -2.24 1.03 22.41
C ALA B 62 -2.29 -0.22 21.52
N ALA B 63 -2.93 -0.09 20.36
CA ALA B 63 -2.96 -1.09 19.27
C ALA B 63 -2.00 -0.64 18.17
N TYR B 64 -1.27 -1.59 17.57
CA TYR B 64 -0.23 -1.28 16.55
C TYR B 64 -0.43 -2.13 15.32
N PHE B 65 -0.52 -1.49 14.15
CA PHE B 65 -0.54 -2.19 12.84
C PHE B 65 0.76 -2.96 12.67
N ILE B 66 0.65 -4.18 12.16
CA ILE B 66 1.77 -5.06 11.72
C ILE B 66 1.59 -5.29 10.22
N GLY B 67 2.59 -5.86 9.55
CA GLY B 67 2.64 -5.92 8.07
C GLY B 67 1.88 -7.12 7.51
N LEU B 68 0.71 -7.43 8.09
CA LEU B 68 -0.16 -8.55 7.67
C LEU B 68 -1.50 -7.96 7.21
N TRP B 69 -1.98 -8.38 6.05
CA TRP B 69 -3.30 -7.94 5.53
C TRP B 69 -3.86 -9.02 4.58
N ASP B 70 -5.18 -9.01 4.45
CA ASP B 70 -5.99 -9.94 3.62
C ASP B 70 -6.14 -9.35 2.22
N THR B 71 -5.56 -10.02 1.23
CA THR B 71 -5.54 -9.61 -0.20
C THR B 71 -6.81 -10.11 -0.90
N GLY B 72 -7.46 -11.13 -0.35
CA GLY B 72 -8.68 -11.74 -0.92
C GLY B 72 -9.71 -12.04 0.15
N HIS B 73 -10.02 -13.32 0.33
CA HIS B 73 -10.96 -13.85 1.36
C HIS B 73 -10.12 -14.67 2.34
N ARG B 74 -9.70 -14.04 3.44
CA ARG B 74 -8.85 -14.63 4.51
C ARG B 74 -7.53 -15.16 3.92
N GLN B 75 -7.00 -14.51 2.86
CA GLN B 75 -5.69 -14.85 2.25
C GLN B 75 -4.63 -13.88 2.78
N TRP B 76 -4.08 -14.18 3.95
CA TRP B 76 -3.16 -13.29 4.67
C TRP B 76 -1.81 -13.25 3.93
N GLN B 77 -1.28 -12.04 3.72
CA GLN B 77 0.05 -11.80 3.12
C GLN B 77 0.88 -10.88 4.02
N TRP B 78 2.18 -11.14 4.09
CA TRP B 78 3.22 -10.26 4.69
C TRP B 78 3.65 -9.20 3.67
N VAL B 79 3.96 -7.99 4.13
CA VAL B 79 4.34 -6.84 3.25
C VAL B 79 5.69 -7.11 2.56
N ASP B 80 6.49 -8.06 3.05
CA ASP B 80 7.82 -8.39 2.46
C ASP B 80 7.74 -9.69 1.63
N GLN B 81 6.52 -10.17 1.37
CA GLN B 81 6.21 -11.32 0.48
C GLN B 81 6.73 -12.64 1.04
N THR B 82 7.21 -12.67 2.29
CA THR B 82 7.65 -13.94 2.94
C THR B 82 6.40 -14.77 3.22
N PRO B 83 6.51 -16.11 3.27
CA PRO B 83 5.32 -16.95 3.36
C PRO B 83 4.57 -16.77 4.69
N TYR B 84 3.24 -16.75 4.58
CA TYR B 84 2.30 -16.86 5.71
C TYR B 84 2.13 -18.33 6.09
N GLU B 85 2.32 -18.66 7.36
CA GLU B 85 2.22 -20.02 7.94
C GLU B 85 1.24 -19.99 9.11
N GLU B 86 0.01 -20.47 8.89
CA GLU B 86 -1.08 -20.51 9.91
C GLU B 86 -0.58 -21.10 11.23
N SER B 87 0.33 -22.07 11.17
CA SER B 87 0.82 -22.85 12.35
C SER B 87 1.66 -21.98 13.30
N VAL B 88 2.13 -20.82 12.83
CA VAL B 88 3.06 -19.91 13.56
C VAL B 88 2.46 -18.50 13.57
N THR B 89 1.27 -18.35 14.13
CA THR B 89 0.54 -17.07 14.23
C THR B 89 0.15 -16.79 15.69
N PHE B 90 -0.30 -15.56 15.96
CA PHE B 90 -0.50 -15.05 17.34
C PHE B 90 -1.86 -14.34 17.45
N TRP B 91 -2.86 -14.82 16.69
CA TRP B 91 -4.27 -14.38 16.77
C TRP B 91 -4.77 -14.47 18.21
N HIS B 92 -5.48 -13.43 18.65
CA HIS B 92 -6.33 -13.46 19.86
C HIS B 92 -7.43 -14.52 19.65
N ASN B 93 -8.02 -15.01 20.74
CA ASN B 93 -9.23 -15.88 20.70
C ASN B 93 -10.33 -15.18 19.89
N GLY B 94 -10.93 -15.90 18.95
CA GLY B 94 -12.04 -15.40 18.11
C GLY B 94 -11.57 -14.53 16.95
N GLU B 95 -10.26 -14.45 16.72
CA GLU B 95 -9.67 -13.69 15.59
C GLU B 95 -8.96 -14.66 14.64
N PRO B 96 -8.89 -14.38 13.33
CA PRO B 96 -9.53 -13.21 12.74
C PRO B 96 -11.06 -13.33 12.75
N SER B 97 -11.73 -12.23 13.11
CA SER B 97 -13.18 -12.21 13.47
C SER B 97 -14.06 -12.10 12.23
N SER B 98 -13.69 -11.29 11.23
CA SER B 98 -14.64 -10.96 10.14
C SER B 98 -13.92 -10.66 8.82
N ASP B 99 -14.58 -11.04 7.73
CA ASP B 99 -14.08 -10.95 6.33
C ASP B 99 -14.04 -9.47 5.86
N ASN B 100 -14.69 -8.56 6.61
CA ASN B 100 -14.67 -7.08 6.42
C ASN B 100 -13.41 -6.41 7.00
N GLU B 101 -12.68 -7.10 7.88
CA GLU B 101 -11.48 -6.56 8.56
C GLU B 101 -10.26 -7.17 7.86
N LYS B 102 -9.60 -6.39 7.01
CA LYS B 102 -8.57 -6.90 6.06
C LYS B 102 -7.16 -6.58 6.57
N CYS B 103 -7.01 -5.72 7.59
CA CYS B 103 -5.69 -5.33 8.12
C CYS B 103 -5.54 -5.82 9.57
N VAL B 104 -4.30 -6.01 10.01
CA VAL B 104 -4.00 -6.69 11.29
C VAL B 104 -3.24 -5.74 12.22
N THR B 105 -3.72 -5.77 13.46
CA THR B 105 -3.15 -5.02 14.57
C THR B 105 -2.72 -6.02 15.64
N VAL B 106 -1.76 -5.63 16.47
CA VAL B 106 -1.38 -6.35 17.70
C VAL B 106 -1.79 -5.45 18.88
N TYR B 107 -2.48 -6.02 19.86
CA TYR B 107 -2.91 -5.26 21.07
C TYR B 107 -2.97 -6.23 22.26
N TYR B 108 -2.96 -5.63 23.45
CA TYR B 108 -2.89 -6.31 24.76
C TYR B 108 -4.31 -6.46 25.33
N ARG B 109 -4.71 -7.69 25.61
CA ARG B 109 -5.98 -7.99 26.33
C ARG B 109 -5.63 -8.13 27.81
N ARG B 110 -6.31 -7.37 28.68
CA ARG B 110 -6.12 -7.42 30.16
C ARG B 110 -6.26 -8.88 30.62
N ASN B 111 -5.25 -9.40 31.32
CA ASN B 111 -5.19 -10.76 31.95
C ASN B 111 -4.98 -11.87 30.91
N ILE B 112 -4.70 -11.56 29.64
CA ILE B 112 -4.51 -12.58 28.56
C ILE B 112 -3.11 -12.38 27.94
N GLY B 113 -2.81 -11.16 27.50
CA GLY B 113 -1.52 -10.81 26.87
C GLY B 113 -1.71 -10.25 25.48
N TRP B 114 -0.62 -10.17 24.72
CA TRP B 114 -0.62 -9.59 23.36
C TRP B 114 -1.17 -10.59 22.35
N GLY B 115 -1.82 -10.12 21.31
CA GLY B 115 -2.33 -10.98 20.23
C GLY B 115 -2.73 -10.18 19.02
N TRP B 116 -2.91 -10.84 17.88
CA TRP B 116 -3.31 -10.18 16.61
C TRP B 116 -4.81 -10.03 16.56
N ASN B 117 -5.27 -8.95 15.93
CA ASN B 117 -6.70 -8.68 15.69
C ASN B 117 -6.83 -8.12 14.28
N ASP B 118 -7.78 -8.66 13.50
CA ASP B 118 -8.11 -8.08 12.17
C ASP B 118 -9.04 -6.89 12.43
N ILE B 119 -8.74 -5.76 11.80
CA ILE B 119 -9.57 -4.51 11.86
C ILE B 119 -9.62 -3.87 10.48
N SER B 120 -10.53 -2.90 10.34
CA SER B 120 -10.67 -2.03 9.16
C SER B 120 -9.32 -1.36 8.88
N CYS B 121 -8.85 -1.48 7.63
CA CYS B 121 -7.59 -0.88 7.12
C CYS B 121 -7.61 0.65 7.23
N ASN B 122 -8.79 1.28 7.19
CA ASN B 122 -8.95 2.75 7.22
C ASN B 122 -8.77 3.31 8.66
N LEU B 123 -8.92 2.48 9.69
CA LEU B 123 -8.83 2.98 11.08
C LEU B 123 -7.38 3.37 11.36
N LYS B 124 -7.18 4.47 12.08
CA LYS B 124 -5.83 4.98 12.43
C LYS B 124 -5.34 4.22 13.66
N GLN B 125 -4.13 3.69 13.59
CA GLN B 125 -3.49 3.02 14.75
C GLN B 125 -2.05 3.49 14.80
N LYS B 126 -1.34 3.15 15.88
CA LYS B 126 0.14 3.19 15.90
C LYS B 126 0.66 2.05 15.02
N SER B 127 1.97 1.92 14.89
CA SER B 127 2.62 0.94 14.00
C SER B 127 4.01 0.59 14.54
N VAL B 128 4.56 -0.50 14.06
CA VAL B 128 5.98 -0.88 14.35
C VAL B 128 6.65 -1.15 13.01
N CYS B 129 7.82 -0.56 12.81
CA CYS B 129 8.62 -0.75 11.60
C CYS B 129 9.77 -1.70 11.92
N GLN B 130 10.25 -2.39 10.89
CA GLN B 130 11.35 -3.36 10.97
C GLN B 130 12.25 -3.18 9.74
N MET B 131 13.55 -3.38 9.90
CA MET B 131 14.54 -3.36 8.80
C MET B 131 15.67 -4.34 9.15
N LYS B 132 16.37 -4.84 8.13
CA LYS B 132 17.62 -5.63 8.29
C LYS B 132 18.63 -4.71 8.99
N LYS B 133 19.47 -5.26 9.87
CA LYS B 133 20.51 -4.49 10.59
C LYS B 133 21.61 -4.11 9.60
N ILE B 134 22.57 -3.30 10.04
CA ILE B 134 23.66 -2.73 9.20
C ILE B 134 24.90 -3.64 9.31
C1 GOL C . -17.95 9.04 -18.55
O1 GOL C . -18.14 8.80 -17.16
C2 GOL C . -16.80 8.22 -19.07
O2 GOL C . -17.00 6.83 -18.81
C3 GOL C . -16.55 8.42 -20.54
O3 GOL C . -15.14 8.49 -20.77
C1 GOL D . -10.86 -6.42 -15.69
O1 GOL D . -12.23 -6.22 -16.08
C2 GOL D . -10.14 -7.29 -16.70
O2 GOL D . -9.55 -6.46 -17.70
C3 GOL D . -9.10 -8.19 -16.07
O3 GOL D . -7.91 -7.47 -15.71
CA CA E . -17.02 6.68 -16.18
CA CA F . -11.25 -8.49 14.47
C1 GOL G . -12.99 -4.83 16.96
O1 GOL G . -11.72 -4.48 17.54
C2 GOL G . -12.97 -6.22 16.33
O2 GOL G . -11.99 -6.26 15.29
C3 GOL G . -12.68 -7.32 17.33
O3 GOL G . -12.65 -8.60 16.69
C1 GOL H . -0.21 -16.14 21.10
O1 GOL H . 0.87 -15.98 22.03
C2 GOL H . -1.48 -15.53 21.63
O2 GOL H . -2.59 -16.02 20.89
C3 GOL H . -1.66 -15.76 23.11
O3 GOL H . -3.00 -15.48 23.52
#